data_7FON
#
_entry.id   7FON
#
_cell.length_a   88.259
_cell.length_b   82.048
_cell.length_c   93.799
_cell.angle_alpha   90
_cell.angle_beta   108.03
_cell.angle_gamma   90
#
_symmetry.space_group_name_H-M   'C 1 2 1'
#
loop_
_entity.id
_entity.type
_entity.pdbx_description
1 polymer 'Pre-mRNA-splicing factor 8'
2 polymer 'A1 cistron-splicing factor AAR2'
3 non-polymer N-(2-aminoethyl)-2-cyclohexylacetamide
4 non-polymer 'DIMETHYL SULFOXIDE'
5 water water
#
loop_
_entity_poly.entity_id
_entity_poly.type
_entity_poly.pdbx_seq_one_letter_code
_entity_poly.pdbx_strand_id
1 'polypeptide(L)'
;GAMNSSNYAELFNNDIKLFVDDTNVYRVTVHKTFEGNVATKAINGCIFTLNPKTGHLFLKIIHTSVWAGQKRLSQLAKWK
TAEEVSALVRSLPKEEQPKQIIVTRKAMLDPLEVHMLDFPNIAIRPTELRLPFSAAMSIDKLSDVVMKATEPQMVLFNIY
DDWLDRISSYTAFSRLTLLLRALKTNEESAKMILLSDPTITIKSYHLWPSFTDEQWITIESQMRDLILTEYGRKYNVNIS
ALTQTEIKDIILGQNIKA
;
A
2 'polypeptide(L)'
;GAMAMNTVPFTSAPIEVTIGIDQYSFNVKENQPFHGIKDIPIGHVHVIHFQHADNSSMRYGYWFDCRMGNFYIQYDPKDG
LYKMMEERDGAKFENIVHNFKERQMMVSYPKIDEDDTWYNLTEFVQMDKIRKIVRKDENQFSYVDSSMTTVQENELSSSS
SDPAHSLNYTVINFKSREAIRPGHEMEDFLDKSYYLNTVMLQGIFKNSSNYFGELQFAFLNAMFFGNYGSSLQWHAMIEL
ICSSATVPKHMLDKLDEILYYQIKTLPEQYSDILLNERVWNICLYSSFQKNSLHNTEKIMENKYPELL
;
B
#
loop_
_chem_comp.id
_chem_comp.type
_chem_comp.name
_chem_comp.formula
DMS non-polymer 'DIMETHYL SULFOXIDE' 'C2 H6 O S'
W7T non-polymer N-(2-aminoethyl)-2-cyclohexylacetamide 'C10 H20 N2 O'
#
# COMPACT_ATOMS: atom_id res chain seq x y z
N GLY A 1 15.65 -5.90 -1.18
CA GLY A 1 14.97 -5.74 0.09
C GLY A 1 15.80 -5.03 1.15
N ALA A 2 15.65 -5.43 2.40
CA ALA A 2 16.37 -4.77 3.49
C ALA A 2 17.86 -5.09 3.43
N MET A 3 18.66 -4.11 3.85
CA MET A 3 20.10 -4.22 3.87
C MET A 3 20.53 -4.60 5.28
N ASN A 4 21.38 -5.62 5.41
CA ASN A 4 21.77 -6.11 6.74
C ASN A 4 23.20 -6.63 6.67
N SER A 5 23.62 -7.32 7.74
CA SER A 5 24.99 -7.82 7.85
C SER A 5 25.30 -8.89 6.82
N SER A 6 24.29 -9.55 6.26
CA SER A 6 24.54 -10.64 5.32
C SER A 6 25.01 -10.10 3.98
N ASN A 7 24.34 -9.07 3.47
CA ASN A 7 24.68 -8.46 2.19
C ASN A 7 25.49 -7.18 2.37
N TYR A 8 26.40 -7.18 3.35
CA TYR A 8 27.05 -5.95 3.77
C TYR A 8 28.10 -5.47 2.76
N ALA A 9 28.76 -6.39 2.07
CA ALA A 9 29.77 -5.98 1.11
C ALA A 9 29.18 -5.35 -0.15
N GLU A 10 27.87 -5.48 -0.35
CA GLU A 10 27.20 -4.84 -1.47
C GLU A 10 27.39 -3.33 -1.44
N LEU A 11 27.58 -2.78 -0.24
CA LEU A 11 27.78 -1.33 -0.14
C LEU A 11 28.98 -0.85 -0.93
N PHE A 12 29.98 -1.72 -1.13
CA PHE A 12 31.24 -1.29 -1.71
C PHE A 12 31.46 -1.84 -3.11
N ASN A 13 30.41 -2.34 -3.74
CA ASN A 13 30.51 -2.74 -5.13
C ASN A 13 30.38 -1.51 -6.00
N ASN A 14 30.33 -1.73 -7.31
CA ASN A 14 30.40 -0.64 -8.28
C ASN A 14 29.03 -0.14 -8.76
N ASP A 15 27.94 -0.54 -8.09
CA ASP A 15 26.62 0.04 -8.32
C ASP A 15 26.50 1.29 -7.45
N ILE A 16 26.22 2.44 -8.06
CA ILE A 16 26.12 3.66 -7.27
C ILE A 16 24.96 3.55 -6.30
N LYS A 17 25.19 3.88 -5.02
CA LYS A 17 24.12 3.89 -4.03
C LYS A 17 24.37 5.01 -3.04
N LEU A 18 23.29 5.47 -2.41
CA LEU A 18 23.33 6.51 -1.39
C LEU A 18 22.59 6.04 -0.15
N PHE A 19 23.18 6.29 1.02
CA PHE A 19 22.45 6.28 2.28
C PHE A 19 21.79 7.63 2.47
N VAL A 20 20.56 7.62 2.98
CA VAL A 20 19.90 8.87 3.40
C VAL A 20 19.53 8.74 4.87
N ASP A 21 20.03 9.66 5.69
CA ASP A 21 19.67 9.75 7.10
C ASP A 21 18.95 11.07 7.32
N ASP A 22 17.77 11.05 7.95
CA ASP A 22 16.92 12.25 8.16
C ASP A 22 16.70 12.53 9.66
N THR A 23 17.51 11.94 10.53
N THR A 23 17.51 11.94 10.53
CA THR A 23 17.35 12.18 11.99
CA THR A 23 17.34 12.20 11.99
C THR A 23 17.60 13.66 12.32
C THR A 23 17.61 13.68 12.34
N ASN A 24 18.74 14.25 11.69
CA ASN A 24 18.85 15.73 12.11
C ASN A 24 18.12 16.77 11.24
N VAL A 25 17.13 16.38 10.44
CA VAL A 25 16.44 17.35 9.55
C VAL A 25 15.60 18.31 10.40
N TYR A 26 14.78 17.78 11.31
CA TYR A 26 13.91 18.60 12.19
C TYR A 26 14.51 18.59 13.61
N ARG A 27 15.16 19.65 14.06
CA ARG A 27 15.79 19.75 15.39
C ARG A 27 15.20 20.96 16.11
N VAL A 28 15.11 20.91 17.44
CA VAL A 28 14.54 22.04 18.22
C VAL A 28 15.32 22.21 19.53
N THR A 29 15.13 23.38 20.15
CA THR A 29 15.52 23.68 21.53
C THR A 29 14.20 23.83 22.27
N VAL A 30 14.18 23.47 23.54
CA VAL A 30 12.92 23.54 24.28
C VAL A 30 13.02 24.71 25.25
N HIS A 31 11.94 25.45 25.42
CA HIS A 31 11.95 26.52 26.42
C HIS A 31 10.55 26.61 27.05
N LYS A 32 10.51 26.71 28.37
CA LYS A 32 9.32 27.09 29.12
C LYS A 32 8.83 28.46 28.69
N THR A 33 7.51 28.60 28.59
CA THR A 33 6.88 29.88 28.27
C THR A 33 6.66 30.69 29.55
N PHE A 34 6.41 31.99 29.36
CA PHE A 34 6.17 32.83 30.53
C PHE A 34 5.04 32.30 31.38
N GLU A 35 4.04 31.68 30.75
CA GLU A 35 2.90 31.07 31.44
C GLU A 35 3.22 29.71 32.04
N GLY A 36 4.45 29.22 31.89
CA GLY A 36 4.81 27.92 32.41
C GLY A 36 4.47 26.74 31.52
N ASN A 37 4.12 26.96 30.26
CA ASN A 37 3.94 25.85 29.34
C ASN A 37 5.27 25.54 28.70
N VAL A 38 5.29 24.52 27.85
CA VAL A 38 6.50 24.13 27.12
C VAL A 38 6.30 24.53 25.68
N ALA A 39 7.35 25.12 25.09
CA ALA A 39 7.37 25.58 23.69
C ALA A 39 8.67 25.14 23.05
N THR A 40 8.66 24.77 21.78
CA THR A 40 9.88 24.40 21.06
C THR A 40 10.25 25.56 20.15
N LYS A 41 11.52 25.69 19.84
CA LYS A 41 12.02 26.65 18.85
C LYS A 41 12.86 25.82 17.88
N ALA A 42 12.51 25.74 16.61
CA ALA A 42 13.33 24.98 15.66
C ALA A 42 14.73 25.61 15.50
N ILE A 43 15.75 24.79 15.23
CA ILE A 43 17.14 25.23 14.89
C ILE A 43 17.49 24.62 13.53
N ASN A 44 18.54 25.08 12.87
CA ASN A 44 18.91 24.54 11.57
C ASN A 44 19.22 23.06 11.66
N GLY A 45 18.81 22.33 10.61
CA GLY A 45 19.08 20.91 10.48
C GLY A 45 19.75 20.54 9.17
N CYS A 46 19.84 19.26 8.87
CA CYS A 46 20.52 18.83 7.66
C CYS A 46 20.05 17.43 7.29
N ILE A 47 20.06 17.18 5.99
CA ILE A 47 19.96 15.82 5.44
C ILE A 47 21.36 15.29 5.20
N PHE A 48 21.61 14.04 5.63
CA PHE A 48 22.89 13.39 5.51
C PHE A 48 22.74 12.33 4.41
N THR A 49 23.23 12.64 3.21
CA THR A 49 23.16 11.75 2.04
C THR A 49 24.57 11.36 1.65
N LEU A 50 24.90 10.06 1.77
CA LEU A 50 26.27 9.61 1.71
C LEU A 50 26.44 8.48 0.69
N ASN A 51 27.43 8.62 -0.20
CA ASN A 51 27.87 7.50 -1.04
C ASN A 51 28.90 6.72 -0.24
N PRO A 52 28.61 5.49 0.20
CA PRO A 52 29.56 4.78 1.07
C PRO A 52 30.80 4.28 0.34
N LYS A 53 30.76 4.19 -0.99
CA LYS A 53 31.92 3.75 -1.76
C LYS A 53 32.94 4.87 -1.92
N THR A 54 32.49 6.08 -2.21
CA THR A 54 33.40 7.17 -2.52
C THR A 54 33.61 8.13 -1.37
N GLY A 55 32.75 8.10 -0.36
CA GLY A 55 32.84 9.08 0.73
C GLY A 55 32.15 10.37 0.44
N HIS A 56 31.61 10.57 -0.77
CA HIS A 56 30.96 11.83 -1.09
C HIS A 56 29.70 12.03 -0.26
N LEU A 57 29.62 13.18 0.41
CA LEU A 57 28.54 13.54 1.30
C LEU A 57 27.86 14.75 0.70
N PHE A 58 26.57 14.61 0.40
CA PHE A 58 25.73 15.71 -0.01
C PHE A 58 24.98 16.19 1.22
N LEU A 59 25.45 17.27 1.85
CA LEU A 59 24.87 17.80 3.09
C LEU A 59 23.91 18.92 2.73
N LYS A 60 22.61 18.61 2.70
CA LYS A 60 21.61 19.64 2.45
C LYS A 60 21.22 20.29 3.77
N ILE A 61 21.54 21.58 3.89
CA ILE A 61 21.20 22.30 5.11
C ILE A 61 19.75 22.74 5.08
N ILE A 62 19.03 22.43 6.16
CA ILE A 62 17.61 22.72 6.32
C ILE A 62 17.52 23.95 7.23
N HIS A 63 17.18 25.09 6.64
CA HIS A 63 17.07 26.31 7.38
C HIS A 63 15.71 26.40 8.07
N THR A 64 15.70 26.95 9.29
CA THR A 64 14.48 26.98 10.09
C THR A 64 13.30 27.64 9.40
N SER A 65 13.55 28.49 8.40
CA SER A 65 12.47 29.17 7.70
C SER A 65 11.58 28.20 6.95
N VAL A 66 12.06 26.99 6.64
N VAL A 66 12.09 27.00 6.64
CA VAL A 66 11.21 26.03 5.95
CA VAL A 66 11.31 25.94 6.01
C VAL A 66 10.09 25.52 6.84
C VAL A 66 10.07 25.63 6.83
N TRP A 67 10.18 25.72 8.16
CA TRP A 67 9.10 25.28 9.03
C TRP A 67 8.10 26.38 9.34
N ALA A 68 8.35 27.61 8.90
CA ALA A 68 7.49 28.72 9.29
C ALA A 68 6.05 28.51 8.83
N GLY A 69 5.12 28.53 9.79
CA GLY A 69 3.71 28.40 9.47
C GLY A 69 3.24 27.01 9.13
N GLN A 70 4.08 26.01 9.34
CA GLN A 70 3.73 24.64 9.00
C GLN A 70 3.34 23.87 10.25
N LYS A 71 2.48 22.88 10.04
CA LYS A 71 1.98 22.01 11.10
C LYS A 71 2.58 20.62 10.93
N ARG A 72 2.51 19.84 12.02
CA ARG A 72 2.94 18.44 12.05
C ARG A 72 4.35 18.30 11.48
N LEU A 73 5.34 18.96 12.08
CA LEU A 73 6.71 19.10 11.51
C LEU A 73 7.47 17.78 11.37
N SER A 74 7.36 16.85 12.31
CA SER A 74 8.08 15.57 12.19
C SER A 74 7.57 14.86 10.93
N GLN A 75 6.27 14.89 10.66
CA GLN A 75 5.71 14.26 9.43
C GLN A 75 6.12 15.08 8.21
N LEU A 76 6.11 16.42 8.24
CA LEU A 76 6.57 17.22 7.10
C LEU A 76 8.04 16.98 6.84
N ALA A 77 8.87 16.76 7.87
CA ALA A 77 10.31 16.55 7.69
C ALA A 77 10.56 15.34 6.78
N LYS A 78 9.73 14.30 6.88
CA LYS A 78 9.88 13.08 6.06
C LYS A 78 9.71 13.42 4.59
N TRP A 79 8.73 14.26 4.27
CA TRP A 79 8.45 14.63 2.86
C TRP A 79 9.41 15.71 2.38
N LYS A 80 9.80 16.63 3.24
CA LYS A 80 10.86 17.57 2.84
C LYS A 80 12.16 16.85 2.49
N THR A 81 12.59 15.91 3.33
CA THR A 81 13.76 15.08 3.02
C THR A 81 13.61 14.42 1.66
N ALA A 82 12.47 13.74 1.45
CA ALA A 82 12.29 13.03 0.20
C ALA A 82 12.26 13.99 -0.99
N GLU A 83 11.65 15.17 -0.83
CA GLU A 83 11.66 16.18 -1.90
C GLU A 83 13.10 16.60 -2.22
N GLU A 84 13.91 16.86 -1.20
CA GLU A 84 15.29 17.29 -1.45
C GLU A 84 16.15 16.15 -2.04
N VAL A 85 15.96 14.90 -1.62
CA VAL A 85 16.72 13.80 -2.21
C VAL A 85 16.36 13.62 -3.68
N SER A 86 15.07 13.68 -4.02
N SER A 86 15.05 13.66 -3.99
CA SER A 86 14.74 13.50 -5.44
CA SER A 86 14.63 13.56 -5.38
C SER A 86 15.18 14.71 -6.26
C SER A 86 15.19 14.69 -6.23
N ALA A 87 15.20 15.92 -5.68
CA ALA A 87 15.78 17.06 -6.38
C ALA A 87 17.27 16.86 -6.63
N LEU A 88 17.98 16.31 -5.64
CA LEU A 88 19.40 16.00 -5.82
C LEU A 88 19.60 14.99 -6.94
N VAL A 89 18.82 13.90 -6.93
CA VAL A 89 18.99 12.90 -7.96
C VAL A 89 18.77 13.53 -9.34
N ARG A 90 17.71 14.31 -9.49
CA ARG A 90 17.42 14.94 -10.79
C ARG A 90 18.53 15.89 -11.24
N SER A 91 19.25 16.49 -10.29
CA SER A 91 20.33 17.40 -10.64
C SER A 91 21.58 16.68 -11.12
N LEU A 92 21.75 15.36 -10.79
CA LEU A 92 22.94 14.63 -11.15
C LEU A 92 22.84 14.16 -12.59
N PRO A 93 23.92 14.21 -13.35
CA PRO A 93 23.93 13.54 -14.65
C PRO A 93 23.47 12.09 -14.53
N LYS A 94 22.90 11.58 -15.61
CA LYS A 94 22.29 10.27 -15.57
C LYS A 94 23.28 9.21 -15.06
N GLU A 95 24.53 9.28 -15.51
CA GLU A 95 25.51 8.27 -15.13
C GLU A 95 26.01 8.42 -13.69
N GLU A 96 25.64 9.48 -12.99
CA GLU A 96 25.95 9.63 -11.57
C GLU A 96 24.75 9.33 -10.68
N GLN A 97 23.58 9.10 -11.27
CA GLN A 97 22.42 8.86 -10.44
C GLN A 97 22.55 7.47 -9.79
N PRO A 98 22.02 7.32 -8.57
CA PRO A 98 22.19 6.04 -7.87
C PRO A 98 21.24 5.01 -8.45
N LYS A 99 21.63 3.74 -8.30
N LYS A 99 21.64 3.74 -8.31
CA LYS A 99 20.74 2.63 -8.60
CA LYS A 99 20.73 2.64 -8.61
C LYS A 99 19.96 2.15 -7.38
C LYS A 99 19.87 2.28 -7.40
N GLN A 100 20.39 2.53 -6.19
CA GLN A 100 19.69 2.24 -4.94
C GLN A 100 19.84 3.43 -4.00
N ILE A 101 18.80 3.68 -3.22
CA ILE A 101 18.86 4.62 -2.09
C ILE A 101 18.45 3.83 -0.86
N ILE A 102 19.31 3.80 0.14
CA ILE A 102 19.05 3.10 1.40
C ILE A 102 18.71 4.14 2.49
N VAL A 103 17.52 4.05 3.05
CA VAL A 103 17.09 4.98 4.09
C VAL A 103 17.39 4.36 5.45
N THR A 104 17.84 5.16 6.41
CA THR A 104 18.19 4.63 7.76
C THR A 104 16.93 4.44 8.61
N ARG A 105 15.79 5.02 8.25
CA ARG A 105 14.55 4.90 9.05
C ARG A 105 13.41 4.43 8.15
N LYS A 106 12.54 3.54 8.65
CA LYS A 106 11.44 2.91 7.86
C LYS A 106 10.37 3.93 7.55
N ALA A 107 10.37 5.04 8.26
CA ALA A 107 9.38 6.06 7.96
C ALA A 107 9.72 6.92 6.75
N MET A 108 10.94 6.79 6.21
CA MET A 108 11.27 7.50 4.99
C MET A 108 10.91 6.73 3.73
N LEU A 109 10.53 5.44 3.85
CA LEU A 109 10.29 4.66 2.63
C LEU A 109 9.14 5.21 1.80
N ASP A 110 7.95 5.42 2.39
CA ASP A 110 6.85 5.85 1.53
C ASP A 110 7.08 7.26 0.99
N PRO A 111 7.55 8.22 1.80
CA PRO A 111 7.75 9.56 1.23
C PRO A 111 8.76 9.54 0.08
N LEU A 112 9.86 8.80 0.22
CA LEU A 112 10.86 8.76 -0.85
C LEU A 112 10.31 8.01 -2.06
N GLU A 113 9.62 6.89 -1.83
CA GLU A 113 9.06 6.14 -2.95
C GLU A 113 8.14 7.04 -3.77
N VAL A 114 7.23 7.78 -3.11
CA VAL A 114 6.30 8.64 -3.81
C VAL A 114 7.04 9.74 -4.55
N HIS A 115 8.06 10.32 -3.93
CA HIS A 115 8.79 11.38 -4.63
C HIS A 115 9.62 10.87 -5.79
N MET A 116 9.96 9.58 -5.82
CA MET A 116 10.82 9.02 -6.86
C MET A 116 10.04 8.19 -7.87
N LEU A 117 8.72 8.42 -7.98
CA LEU A 117 7.92 7.64 -8.92
C LEU A 117 8.45 7.76 -10.34
N ASP A 118 8.98 8.93 -10.69
CA ASP A 118 9.58 9.17 -12.00
C ASP A 118 10.83 8.32 -12.25
N PHE A 119 11.39 7.68 -11.23
CA PHE A 119 12.61 6.87 -11.33
C PHE A 119 12.27 5.44 -10.92
N PRO A 120 11.49 4.73 -11.73
CA PRO A 120 11.08 3.37 -11.35
C PRO A 120 12.24 2.41 -11.19
N ASN A 121 13.38 2.65 -11.85
CA ASN A 121 14.51 1.76 -11.79
C ASN A 121 15.47 2.04 -10.63
N ILE A 122 15.19 3.03 -9.78
CA ILE A 122 15.98 3.26 -8.57
C ILE A 122 15.27 2.57 -7.41
N ALA A 123 15.96 1.62 -6.78
CA ALA A 123 15.38 0.87 -5.66
C ALA A 123 15.49 1.65 -4.36
N ILE A 124 14.41 1.69 -3.61
CA ILE A 124 14.38 2.35 -2.30
C ILE A 124 14.31 1.25 -1.24
N ARG A 125 15.31 1.21 -0.38
CA ARG A 125 15.55 0.08 0.50
C ARG A 125 15.67 0.56 1.94
N PRO A 126 15.08 -0.17 2.88
CA PRO A 126 15.45 -0.02 4.29
C PRO A 126 16.73 -0.75 4.63
N THR A 127 17.16 -0.59 5.88
CA THR A 127 18.27 -1.35 6.41
C THR A 127 17.94 -1.84 7.80
N GLU A 128 18.52 -2.99 8.15
N GLU A 128 18.51 -2.98 8.18
CA GLU A 128 18.51 -3.54 9.49
CA GLU A 128 18.44 -3.44 9.56
C GLU A 128 19.67 -3.03 10.33
C GLU A 128 19.69 -3.03 10.35
N LEU A 129 20.68 -2.43 9.70
CA LEU A 129 21.80 -1.86 10.44
C LEU A 129 21.37 -0.62 11.21
N ARG A 130 21.91 -0.49 12.43
CA ARG A 130 21.64 0.67 13.28
C ARG A 130 22.84 1.61 13.14
N LEU A 131 22.82 2.38 12.08
CA LEU A 131 23.96 3.21 11.72
C LEU A 131 23.98 4.51 12.51
N PRO A 132 25.16 4.99 12.85
CA PRO A 132 25.25 6.09 13.79
C PRO A 132 25.30 7.46 13.12
N PHE A 133 24.63 7.62 11.98
CA PHE A 133 24.77 8.86 11.23
C PHE A 133 24.18 10.07 11.95
N SER A 134 23.27 9.87 12.92
CA SER A 134 22.78 11.00 13.72
C SER A 134 23.94 11.80 14.33
N ALA A 135 25.02 11.15 14.66
CA ALA A 135 26.18 11.82 15.24
C ALA A 135 26.93 12.68 14.25
N ALA A 136 26.44 12.84 13.01
CA ALA A 136 27.15 13.69 12.06
C ALA A 136 27.29 15.11 12.59
N MET A 137 26.34 15.57 13.37
CA MET A 137 26.45 16.93 13.90
C MET A 137 27.45 17.02 15.04
N SER A 138 28.10 15.92 15.43
CA SER A 138 29.22 16.00 16.36
C SER A 138 30.55 16.23 15.66
N ILE A 139 30.57 16.19 14.33
CA ILE A 139 31.74 16.60 13.55
C ILE A 139 31.71 18.12 13.46
N ASP A 140 32.78 18.76 13.97
CA ASP A 140 32.75 20.20 14.18
C ASP A 140 32.52 20.97 12.88
N LYS A 141 33.24 20.62 11.82
CA LYS A 141 33.07 21.43 10.60
C LYS A 141 31.66 21.28 10.01
N LEU A 142 31.02 20.11 10.16
CA LEU A 142 29.64 19.96 9.66
C LEU A 142 28.65 20.74 10.52
N SER A 143 28.77 20.63 11.84
CA SER A 143 27.92 21.41 12.72
C SER A 143 28.06 22.91 12.46
N ASP A 144 29.28 23.38 12.20
CA ASP A 144 29.50 24.81 11.99
C ASP A 144 28.78 25.31 10.73
N VAL A 145 28.86 24.57 9.63
CA VAL A 145 28.23 25.08 8.43
C VAL A 145 26.71 25.04 8.58
N VAL A 146 26.18 24.06 9.32
CA VAL A 146 24.73 23.99 9.51
C VAL A 146 24.25 25.15 10.35
N MET A 147 24.94 25.41 11.47
N MET A 147 24.93 25.42 11.48
N MET A 147 24.92 25.43 11.47
CA MET A 147 24.50 26.43 12.43
CA MET A 147 24.44 26.45 12.40
CA MET A 147 24.42 26.45 12.38
C MET A 147 24.66 27.84 11.87
C MET A 147 24.63 27.86 11.83
C MET A 147 24.65 27.86 11.85
N LYS A 148 25.63 28.08 10.99
CA LYS A 148 25.87 29.40 10.41
C LYS A 148 24.99 29.73 9.22
N ALA A 149 24.28 28.74 8.67
CA ALA A 149 23.50 28.96 7.45
C ALA A 149 22.37 29.93 7.70
N THR A 150 22.22 30.89 6.77
CA THR A 150 21.18 31.88 6.82
C THR A 150 20.08 31.62 5.80
N GLU A 151 20.26 30.60 4.96
CA GLU A 151 19.38 30.25 3.85
C GLU A 151 19.61 28.79 3.54
N PRO A 152 18.67 28.13 2.88
CA PRO A 152 18.91 26.76 2.39
C PRO A 152 20.16 26.69 1.53
N GLN A 153 20.94 25.61 1.71
CA GLN A 153 22.24 25.51 1.10
C GLN A 153 22.59 24.05 1.02
N MET A 154 23.26 23.62 -0.06
CA MET A 154 23.87 22.30 -0.14
C MET A 154 25.39 22.44 -0.12
N VAL A 155 26.05 21.63 0.69
CA VAL A 155 27.50 21.64 0.81
C VAL A 155 28.02 20.23 0.61
N LEU A 156 29.08 20.08 -0.18
CA LEU A 156 29.63 18.80 -0.58
C LEU A 156 30.91 18.55 0.18
N PHE A 157 31.02 17.37 0.79
CA PHE A 157 32.22 16.99 1.52
C PHE A 157 32.62 15.60 1.07
N ASN A 158 33.85 15.23 1.40
CA ASN A 158 34.27 13.82 1.38
C ASN A 158 34.48 13.41 2.84
N ILE A 159 33.57 12.59 3.36
CA ILE A 159 33.62 12.25 4.78
C ILE A 159 34.79 11.34 5.13
N TYR A 160 35.51 10.80 4.14
CA TYR A 160 36.69 9.96 4.35
C TYR A 160 37.99 10.75 4.24
N ASP A 161 37.92 12.07 4.10
CA ASP A 161 39.13 12.89 3.82
C ASP A 161 39.89 12.19 2.69
N ASP A 162 41.17 11.91 2.84
CA ASP A 162 42.01 11.24 1.85
C ASP A 162 42.24 9.78 2.16
N TRP A 163 41.43 9.17 3.04
CA TRP A 163 41.74 7.81 3.47
C TRP A 163 41.78 6.84 2.32
N LEU A 164 40.96 7.04 1.28
CA LEU A 164 40.90 6.07 0.21
C LEU A 164 42.20 5.98 -0.59
N ASP A 165 43.12 6.92 -0.41
CA ASP A 165 44.45 6.75 -1.00
C ASP A 165 45.20 5.58 -0.37
N ARG A 166 44.87 5.22 0.87
CA ARG A 166 45.61 4.20 1.59
C ARG A 166 44.78 3.00 2.02
N ILE A 167 43.45 3.10 2.09
CA ILE A 167 42.60 1.99 2.52
C ILE A 167 41.44 1.79 1.55
N SER A 168 40.78 0.64 1.68
CA SER A 168 39.62 0.34 0.86
C SER A 168 38.39 1.04 1.41
N SER A 169 37.34 1.10 0.59
N SER A 169 37.32 1.10 0.62
CA SER A 169 36.07 1.68 1.02
CA SER A 169 36.10 1.73 1.11
C SER A 169 35.50 0.91 2.21
C SER A 169 35.43 0.92 2.20
N TYR A 170 35.57 -0.43 2.18
CA TYR A 170 35.07 -1.21 3.29
C TYR A 170 35.73 -0.77 4.59
N THR A 171 37.07 -0.64 4.57
CA THR A 171 37.79 -0.21 5.78
C THR A 171 37.45 1.23 6.14
N ALA A 172 37.33 2.10 5.15
CA ALA A 172 36.97 3.51 5.45
C ALA A 172 35.59 3.64 6.10
N PHE A 173 34.61 2.92 5.58
CA PHE A 173 33.30 2.95 6.19
C PHE A 173 33.32 2.40 7.61
N SER A 174 34.08 1.31 7.84
CA SER A 174 34.21 0.75 9.19
C SER A 174 34.84 1.76 10.15
N ARG A 175 35.85 2.49 9.68
CA ARG A 175 36.43 3.56 10.50
C ARG A 175 35.41 4.65 10.77
N LEU A 176 34.67 5.07 9.75
CA LEU A 176 33.71 6.14 9.94
C LEU A 176 32.63 5.74 10.94
N THR A 177 32.09 4.51 10.78
CA THR A 177 31.00 4.12 11.67
C THR A 177 31.52 3.93 13.09
N LEU A 178 32.78 3.50 13.26
CA LEU A 178 33.36 3.43 14.60
C LEU A 178 33.49 4.82 15.23
N LEU A 179 34.04 5.77 14.48
CA LEU A 179 34.14 7.15 14.97
C LEU A 179 32.77 7.70 15.33
N LEU A 180 31.78 7.52 14.46
CA LEU A 180 30.48 8.12 14.73
C LEU A 180 29.77 7.40 15.88
N ARG A 181 29.91 6.09 15.99
CA ARG A 181 29.33 5.38 17.13
C ARG A 181 29.92 5.90 18.44
N ALA A 182 31.25 6.16 18.47
CA ALA A 182 31.87 6.68 19.68
C ALA A 182 31.37 8.08 20.00
N LEU A 183 31.27 8.95 18.98
CA LEU A 183 30.80 10.30 19.21
C LEU A 183 29.35 10.29 19.70
N LYS A 184 28.58 9.29 19.29
CA LYS A 184 27.21 9.18 19.71
C LYS A 184 27.07 8.65 21.14
N THR A 185 27.97 7.77 21.58
N THR A 185 27.99 7.80 21.59
CA THR A 185 27.83 7.19 22.91
CA THR A 185 27.86 7.17 22.89
C THR A 185 28.40 8.09 23.99
C THR A 185 28.44 8.05 24.00
N ASN A 186 29.55 8.72 23.73
CA ASN A 186 30.12 9.68 24.69
C ASN A 186 30.92 10.71 23.89
N GLU A 187 30.23 11.78 23.49
CA GLU A 187 30.83 12.77 22.61
C GLU A 187 32.07 13.41 23.22
N GLU A 188 32.01 13.76 24.51
CA GLU A 188 33.15 14.44 25.11
C GLU A 188 34.39 13.57 25.06
N SER A 189 34.27 12.30 25.48
CA SER A 189 35.43 11.43 25.48
C SER A 189 35.94 11.18 24.06
N ALA A 190 35.04 10.94 23.11
CA ALA A 190 35.50 10.71 21.74
C ALA A 190 36.26 11.92 21.22
N LYS A 191 35.79 13.13 21.51
CA LYS A 191 36.48 14.32 21.04
C LYS A 191 37.81 14.51 21.76
N MET A 192 37.90 14.14 23.03
CA MET A 192 39.18 14.15 23.71
CA MET A 192 39.17 14.13 23.73
C MET A 192 40.16 13.20 23.03
N ILE A 193 39.73 11.99 22.72
CA ILE A 193 40.59 11.03 22.03
C ILE A 193 41.14 11.62 20.74
N LEU A 194 40.26 12.26 19.96
CA LEU A 194 40.64 12.67 18.61
C LEU A 194 41.58 13.87 18.60
N LEU A 195 41.57 14.67 19.66
CA LEU A 195 42.34 15.91 19.67
C LEU A 195 43.34 16.00 20.82
N SER A 196 43.47 14.98 21.66
CA SER A 196 44.37 15.06 22.81
C SER A 196 45.75 15.55 22.40
N ASP A 197 46.30 15.00 21.31
CA ASP A 197 47.67 15.26 20.90
C ASP A 197 47.71 16.49 20.02
N PRO A 198 48.22 17.63 20.49
CA PRO A 198 48.12 18.87 19.69
C PRO A 198 49.02 18.89 18.46
N THR A 199 49.98 17.97 18.36
CA THR A 199 50.85 17.93 17.18
C THR A 199 50.14 17.39 15.95
N ILE A 200 49.01 16.69 16.13
CA ILE A 200 48.23 16.14 15.02
C ILE A 200 47.11 17.11 14.72
N THR A 201 47.06 17.61 13.50
CA THR A 201 46.16 18.69 13.13
C THR A 201 45.16 18.16 12.10
N ILE A 202 44.11 18.95 11.90
CA ILE A 202 43.11 18.74 10.85
C ILE A 202 43.43 19.69 9.71
N LYS A 203 43.73 19.14 8.54
CA LYS A 203 43.95 20.00 7.38
C LYS A 203 42.74 20.88 7.13
N SER A 204 43.00 22.06 6.56
CA SER A 204 41.92 22.98 6.26
C SER A 204 40.84 22.34 5.40
N TYR A 205 41.23 21.40 4.53
CA TYR A 205 40.31 20.81 3.58
C TYR A 205 39.80 19.43 4.04
N HIS A 206 39.97 19.11 5.33
CA HIS A 206 39.61 17.82 5.90
C HIS A 206 38.67 17.99 7.07
N LEU A 207 38.03 16.88 7.44
CA LEU A 207 37.16 16.84 8.59
C LEU A 207 37.81 16.24 9.83
N TRP A 208 38.72 15.29 9.66
CA TRP A 208 39.30 14.51 10.73
C TRP A 208 40.80 14.80 10.78
N PRO A 209 41.46 14.46 11.88
CA PRO A 209 42.90 14.70 11.98
C PRO A 209 43.74 13.86 11.03
N SER A 210 44.95 14.37 10.79
CA SER A 210 45.90 13.75 9.86
C SER A 210 46.73 12.68 10.56
N PHE A 211 46.10 11.54 10.83
CA PHE A 211 46.75 10.45 11.53
C PHE A 211 47.54 9.60 10.55
N THR A 212 48.74 9.19 10.96
CA THR A 212 49.42 8.13 10.27
C THR A 212 48.66 6.81 10.45
N ASP A 213 48.97 5.85 9.57
CA ASP A 213 48.38 4.52 9.71
C ASP A 213 48.53 3.96 11.12
N GLU A 214 49.70 4.15 11.73
CA GLU A 214 49.91 3.60 13.07
C GLU A 214 49.05 4.31 14.10
N GLN A 215 48.97 5.64 14.02
CA GLN A 215 48.14 6.40 14.94
C GLN A 215 46.67 6.07 14.77
N TRP A 216 46.23 5.74 13.54
CA TRP A 216 44.83 5.34 13.36
C TRP A 216 44.52 4.04 14.10
N ILE A 217 45.48 3.12 14.16
CA ILE A 217 45.24 1.90 14.93
C ILE A 217 45.08 2.24 16.40
N THR A 218 45.94 3.11 16.93
CA THR A 218 45.79 3.54 18.31
C THR A 218 44.45 4.22 18.52
N ILE A 219 44.09 5.16 17.64
CA ILE A 219 42.83 5.87 17.77
C ILE A 219 41.66 4.90 17.75
N GLU A 220 41.63 4.02 16.75
CA GLU A 220 40.53 3.07 16.64
C GLU A 220 40.43 2.20 17.88
N SER A 221 41.56 1.82 18.45
N SER A 221 41.56 1.78 18.43
CA SER A 221 41.54 1.03 19.67
CA SER A 221 41.53 1.02 19.67
C SER A 221 40.96 1.83 20.83
C SER A 221 40.92 1.85 20.80
N GLN A 222 41.32 3.12 20.92
CA GLN A 222 40.78 3.96 21.97
C GLN A 222 39.27 4.16 21.81
N MET A 223 38.79 4.25 20.57
CA MET A 223 37.34 4.34 20.35
C MET A 223 36.62 3.06 20.75
N ARG A 224 37.16 1.89 20.39
N ARG A 224 37.17 1.90 20.42
CA ARG A 224 36.56 0.64 20.83
CA ARG A 224 36.52 0.65 20.82
C ARG A 224 36.48 0.56 22.34
C ARG A 224 36.49 0.52 22.35
N ASP A 225 37.57 0.92 23.03
CA ASP A 225 37.57 0.94 24.49
CA ASP A 225 37.56 0.94 24.49
C ASP A 225 36.45 1.85 25.02
N LEU A 226 36.31 3.05 24.45
CA LEU A 226 35.27 3.97 24.88
C LEU A 226 33.90 3.34 24.75
N ILE A 227 33.61 2.71 23.61
CA ILE A 227 32.30 2.15 23.38
C ILE A 227 32.03 1.02 24.36
N LEU A 228 33.03 0.18 24.59
CA LEU A 228 32.85 -0.96 25.49
C LEU A 228 32.70 -0.48 26.94
N THR A 229 33.54 0.45 27.37
CA THR A 229 33.37 1.08 28.68
C THR A 229 31.94 1.59 28.85
N GLU A 230 31.53 2.54 28.02
CA GLU A 230 30.18 3.10 28.13
C GLU A 230 29.13 2.01 28.20
N TYR A 231 29.33 0.93 27.45
CA TYR A 231 28.38 -0.17 27.47
C TYR A 231 28.42 -0.91 28.81
N GLY A 232 29.56 -0.87 29.51
CA GLY A 232 29.63 -1.32 30.88
C GLY A 232 29.00 -0.31 31.84
N ARG A 233 29.54 0.93 31.84
CA ARG A 233 28.95 2.01 32.63
C ARG A 233 27.44 2.05 32.45
N LYS A 234 26.94 1.67 31.27
CA LYS A 234 25.50 1.70 31.02
C LYS A 234 24.79 0.55 31.71
N TYR A 235 25.10 -0.68 31.31
CA TYR A 235 24.43 -1.87 31.82
C TYR A 235 25.03 -2.37 33.14
N ASN A 236 26.09 -1.73 33.64
CA ASN A 236 26.79 -2.21 34.83
C ASN A 236 27.32 -3.63 34.57
N VAL A 237 28.53 -3.72 34.03
CA VAL A 237 29.14 -5.01 33.69
C VAL A 237 30.66 -4.94 33.87
N MET B 5 -42.47 -12.76 -13.32
CA MET B 5 -41.25 -13.21 -12.61
C MET B 5 -40.59 -14.26 -13.51
N ASN B 6 -39.26 -14.27 -13.63
CA ASN B 6 -38.65 -15.05 -14.69
C ASN B 6 -38.06 -16.36 -14.17
N THR B 7 -37.55 -17.16 -15.10
CA THR B 7 -37.19 -18.54 -14.87
C THR B 7 -35.87 -18.87 -15.54
N VAL B 8 -35.04 -19.62 -14.85
CA VAL B 8 -33.85 -20.24 -15.43
C VAL B 8 -34.02 -21.74 -15.34
N PRO B 9 -34.47 -22.38 -16.41
CA PRO B 9 -34.64 -23.82 -16.40
C PRO B 9 -33.30 -24.56 -16.55
N PHE B 10 -33.29 -25.80 -16.09
CA PHE B 10 -32.15 -26.68 -16.21
C PHE B 10 -32.52 -27.84 -17.11
N THR B 11 -31.63 -28.25 -18.01
CA THR B 11 -31.91 -29.45 -18.78
C THR B 11 -31.99 -30.67 -17.89
N SER B 12 -31.09 -30.80 -16.92
CA SER B 12 -31.01 -31.91 -15.98
C SER B 12 -29.97 -31.54 -14.93
N ALA B 13 -29.84 -32.41 -13.92
CA ALA B 13 -28.75 -32.31 -12.95
C ALA B 13 -27.96 -33.61 -12.86
N PRO B 14 -27.04 -33.84 -13.80
CA PRO B 14 -26.32 -35.14 -13.84
C PRO B 14 -25.30 -35.32 -12.74
N ILE B 15 -24.78 -34.25 -12.14
CA ILE B 15 -23.82 -34.42 -11.07
C ILE B 15 -24.30 -33.67 -9.84
N GLU B 16 -23.97 -34.26 -8.68
CA GLU B 16 -24.35 -33.70 -7.39
C GLU B 16 -23.66 -32.36 -7.20
N VAL B 17 -24.41 -31.36 -6.76
CA VAL B 17 -23.94 -29.97 -6.80
C VAL B 17 -24.74 -29.17 -5.80
N THR B 18 -24.08 -28.23 -5.13
CA THR B 18 -24.74 -27.16 -4.40
C THR B 18 -24.90 -25.97 -5.33
N ILE B 19 -26.15 -25.53 -5.52
CA ILE B 19 -26.48 -24.45 -6.42
C ILE B 19 -26.81 -23.23 -5.57
N GLY B 20 -26.17 -22.10 -5.84
CA GLY B 20 -26.68 -20.94 -5.14
C GLY B 20 -27.29 -19.93 -6.10
N ILE B 21 -28.33 -19.25 -5.64
CA ILE B 21 -29.07 -18.23 -6.41
C ILE B 21 -29.00 -17.01 -5.49
N ASP B 22 -28.27 -15.96 -5.84
CA ASP B 22 -28.04 -14.76 -5.00
C ASP B 22 -27.48 -15.20 -3.65
N GLN B 23 -27.95 -14.66 -2.51
CA GLN B 23 -27.57 -15.09 -1.15
C GLN B 23 -28.08 -16.49 -0.78
N TYR B 24 -29.02 -17.11 -1.51
CA TYR B 24 -29.58 -18.45 -1.18
C TYR B 24 -28.70 -19.59 -1.71
N SER B 25 -28.74 -20.75 -1.05
CA SER B 25 -28.04 -22.00 -1.48
C SER B 25 -28.91 -23.21 -1.19
N PHE B 26 -28.82 -24.26 -2.01
CA PHE B 26 -29.57 -25.53 -1.86
C PHE B 26 -28.75 -26.64 -2.51
N ASN B 27 -29.01 -27.88 -2.12
CA ASN B 27 -28.26 -29.08 -2.59
C ASN B 27 -29.08 -29.86 -3.61
N VAL B 28 -28.49 -30.33 -4.70
CA VAL B 28 -29.15 -31.18 -5.69
C VAL B 28 -28.38 -32.49 -5.78
N LYS B 29 -29.09 -33.61 -5.66
CA LYS B 29 -28.40 -34.90 -5.70
C LYS B 29 -28.18 -35.34 -7.15
N GLU B 30 -27.23 -36.25 -7.32
CA GLU B 30 -26.85 -36.74 -8.64
C GLU B 30 -28.06 -37.39 -9.32
N ASN B 31 -28.39 -36.88 -10.53
CA ASN B 31 -29.53 -37.34 -11.32
C ASN B 31 -30.87 -37.16 -10.60
N GLN B 32 -30.94 -36.18 -9.70
CA GLN B 32 -32.22 -35.83 -9.09
C GLN B 32 -33.10 -35.11 -10.11
N PRO B 33 -34.42 -35.37 -10.12
CA PRO B 33 -35.31 -34.66 -11.05
C PRO B 33 -35.45 -33.17 -10.74
N PHE B 34 -34.55 -32.39 -11.30
CA PHE B 34 -34.46 -30.96 -11.03
C PHE B 34 -34.45 -30.25 -12.37
N HIS B 35 -35.33 -29.26 -12.53
CA HIS B 35 -35.35 -28.54 -13.80
C HIS B 35 -35.32 -27.04 -13.64
N GLY B 36 -34.85 -26.52 -12.49
CA GLY B 36 -34.43 -25.12 -12.48
C GLY B 36 -35.10 -24.28 -11.41
N ILE B 37 -35.00 -22.97 -11.60
CA ILE B 37 -35.42 -21.96 -10.62
C ILE B 37 -36.44 -21.01 -11.26
N LYS B 38 -37.60 -20.84 -10.61
CA LYS B 38 -38.66 -19.95 -11.07
C LYS B 38 -38.84 -18.80 -10.09
N ASP B 39 -39.69 -17.86 -10.47
CA ASP B 39 -40.12 -16.71 -9.65
C ASP B 39 -38.91 -15.83 -9.34
N ILE B 40 -37.99 -15.71 -10.28
CA ILE B 40 -36.82 -14.84 -10.09
C ILE B 40 -37.21 -13.38 -10.27
N PRO B 41 -37.13 -12.43 -9.20
CA PRO B 41 -37.39 -10.81 -9.06
C PRO B 41 -36.89 -10.19 -10.36
N ILE B 42 -37.73 -9.77 -11.26
CA ILE B 42 -37.33 -8.91 -12.35
C ILE B 42 -36.91 -7.55 -11.79
N GLY B 43 -35.87 -7.02 -12.39
CA GLY B 43 -35.41 -5.68 -12.12
C GLY B 43 -34.05 -5.62 -11.50
N HIS B 44 -33.51 -6.77 -11.09
CA HIS B 44 -32.16 -6.96 -10.50
C HIS B 44 -31.29 -7.76 -11.47
N VAL B 45 -29.99 -7.57 -11.30
N VAL B 45 -29.98 -7.52 -11.37
CA VAL B 45 -29.05 -8.55 -11.80
CA VAL B 45 -29.09 -8.59 -11.82
C VAL B 45 -28.95 -9.70 -10.79
C VAL B 45 -29.19 -9.75 -10.84
N HIS B 46 -28.75 -10.92 -11.29
CA HIS B 46 -28.74 -12.11 -10.46
C HIS B 46 -27.47 -12.90 -10.75
N VAL B 47 -27.13 -13.79 -9.84
CA VAL B 47 -26.01 -14.70 -10.03
C VAL B 47 -26.47 -16.12 -9.68
N ILE B 48 -26.15 -17.07 -10.54
N ILE B 48 -26.25 -17.06 -10.59
CA ILE B 48 -26.43 -18.47 -10.28
CA ILE B 48 -26.44 -18.47 -10.30
C ILE B 48 -25.07 -19.16 -10.26
C ILE B 48 -25.04 -19.05 -10.20
N HIS B 49 -24.81 -19.87 -9.17
CA HIS B 49 -23.47 -20.36 -8.90
C HIS B 49 -23.46 -21.78 -8.38
N PHE B 50 -22.27 -22.40 -8.53
CA PHE B 50 -22.15 -23.83 -8.44
C PHE B 50 -20.93 -24.25 -7.64
N GLN B 51 -21.13 -25.27 -6.82
CA GLN B 51 -20.00 -25.95 -6.19
C GLN B 51 -20.24 -27.45 -6.24
N HIS B 52 -19.41 -28.16 -6.98
CA HIS B 52 -19.66 -29.59 -7.12
C HIS B 52 -19.36 -30.31 -5.82
N ALA B 53 -20.16 -31.34 -5.53
CA ALA B 53 -20.01 -32.10 -4.31
C ALA B 53 -18.71 -32.88 -4.30
N ASP B 54 -18.27 -33.31 -5.48
CA ASP B 54 -17.03 -34.09 -5.57
C ASP B 54 -15.82 -33.19 -5.38
N ASN B 55 -15.70 -32.13 -6.18
CA ASN B 55 -14.55 -31.25 -6.17
C ASN B 55 -15.01 -29.87 -5.72
N SER B 56 -14.83 -29.58 -4.43
CA SER B 56 -15.09 -28.24 -3.93
C SER B 56 -14.15 -27.20 -4.53
N SER B 57 -13.12 -27.61 -5.26
CA SER B 57 -12.30 -26.66 -5.98
C SER B 57 -13.10 -26.02 -7.10
N MET B 58 -12.83 -24.75 -7.34
N MET B 58 -12.90 -24.72 -7.27
CA MET B 58 -13.59 -23.99 -8.32
CA MET B 58 -13.55 -23.96 -8.32
C MET B 58 -15.06 -23.87 -7.90
C MET B 58 -15.03 -23.79 -8.03
N ARG B 59 -15.38 -22.78 -7.23
CA ARG B 59 -16.74 -22.27 -7.28
C ARG B 59 -16.83 -21.49 -8.59
N TYR B 60 -17.96 -21.57 -9.30
CA TYR B 60 -18.10 -20.83 -10.55
C TYR B 60 -19.57 -20.45 -10.69
N GLY B 61 -19.84 -19.49 -11.57
CA GLY B 61 -21.23 -19.08 -11.75
C GLY B 61 -21.39 -18.04 -12.83
N TYR B 62 -22.64 -17.54 -12.96
CA TYR B 62 -23.02 -16.69 -14.07
C TYR B 62 -23.83 -15.53 -13.56
N TRP B 63 -23.43 -14.32 -13.94
CA TRP B 63 -24.23 -13.14 -13.75
C TRP B 63 -25.13 -12.91 -14.95
N PHE B 64 -26.41 -12.57 -14.69
CA PHE B 64 -27.41 -12.46 -15.74
C PHE B 64 -28.54 -11.55 -15.30
N ASP B 65 -29.34 -11.12 -16.27
CA ASP B 65 -30.49 -10.26 -16.08
C ASP B 65 -31.53 -10.80 -17.03
N CYS B 66 -32.62 -11.36 -16.50
CA CYS B 66 -33.61 -12.03 -17.32
C CYS B 66 -34.31 -11.09 -18.29
N ARG B 67 -34.18 -9.78 -18.12
CA ARG B 67 -34.74 -8.89 -19.12
C ARG B 67 -33.98 -8.94 -20.44
N MET B 68 -32.76 -9.48 -20.45
N MET B 68 -32.76 -9.48 -20.44
CA MET B 68 -31.90 -9.45 -21.62
CA MET B 68 -31.89 -9.46 -21.62
C MET B 68 -31.98 -10.72 -22.48
C MET B 68 -31.95 -10.73 -22.46
N GLY B 69 -32.77 -11.71 -22.09
CA GLY B 69 -32.86 -12.92 -22.87
C GLY B 69 -33.41 -14.05 -22.03
N ASN B 70 -33.69 -15.16 -22.71
CA ASN B 70 -34.09 -16.41 -22.06
C ASN B 70 -32.86 -17.30 -21.83
N PHE B 71 -32.50 -17.50 -20.56
CA PHE B 71 -31.31 -18.25 -20.22
C PHE B 71 -31.66 -19.56 -19.54
N TYR B 72 -30.87 -20.59 -19.82
CA TYR B 72 -31.02 -21.87 -19.17
C TYR B 72 -29.66 -22.46 -18.83
N ILE B 73 -29.67 -23.49 -17.99
CA ILE B 73 -28.45 -24.23 -17.61
C ILE B 73 -28.48 -25.65 -18.18
N GLN B 74 -27.33 -26.07 -18.70
CA GLN B 74 -27.12 -27.43 -19.22
C GLN B 74 -25.73 -27.89 -18.83
N TYR B 75 -25.64 -29.06 -18.21
CA TYR B 75 -24.36 -29.66 -17.86
C TYR B 75 -23.64 -30.13 -19.12
N ASP B 76 -22.35 -29.81 -19.20
CA ASP B 76 -21.47 -30.31 -20.26
C ASP B 76 -20.52 -31.37 -19.72
N PRO B 77 -20.68 -32.62 -20.14
CA PRO B 77 -19.82 -33.69 -19.60
C PRO B 77 -18.37 -33.64 -20.10
N LYS B 78 -18.07 -32.85 -21.13
CA LYS B 78 -16.69 -32.77 -21.62
C LYS B 78 -15.93 -31.75 -20.80
N ASP B 79 -16.50 -30.52 -20.66
CA ASP B 79 -15.85 -29.51 -19.83
C ASP B 79 -16.17 -29.67 -18.36
N GLY B 80 -17.10 -30.54 -18.01
CA GLY B 80 -17.32 -30.86 -16.62
C GLY B 80 -17.97 -29.74 -15.82
N LEU B 81 -18.78 -28.91 -16.45
CA LEU B 81 -19.45 -27.88 -15.66
C LEU B 81 -20.85 -27.60 -16.16
N TYR B 82 -21.62 -26.99 -15.27
CA TYR B 82 -22.95 -26.52 -15.63
C TYR B 82 -22.79 -25.23 -16.41
N LYS B 83 -23.26 -25.19 -17.66
CA LYS B 83 -23.10 -24.01 -18.49
C LYS B 83 -24.41 -23.24 -18.66
N MET B 84 -24.32 -21.91 -18.62
CA MET B 84 -25.45 -21.08 -19.01
C MET B 84 -25.45 -20.93 -20.53
N MET B 85 -26.65 -20.99 -21.10
CA MET B 85 -26.86 -20.80 -22.52
C MET B 85 -28.08 -19.91 -22.72
N GLU B 86 -28.16 -19.26 -23.89
CA GLU B 86 -29.32 -18.48 -24.28
C GLU B 86 -30.14 -19.27 -25.30
N GLU B 87 -31.47 -19.29 -25.11
CA GLU B 87 -32.41 -19.87 -26.08
C GLU B 87 -33.01 -18.74 -26.89
N ARG B 88 -32.77 -18.77 -28.21
CA ARG B 88 -33.30 -17.73 -29.08
C ARG B 88 -34.76 -18.00 -29.48
N ASP B 89 -35.22 -19.25 -29.40
CA ASP B 89 -36.59 -19.60 -29.75
C ASP B 89 -37.50 -19.36 -28.56
N GLY B 90 -38.11 -18.18 -28.53
CA GLY B 90 -38.91 -17.78 -27.38
C GLY B 90 -40.14 -18.65 -27.15
N ALA B 91 -40.76 -19.12 -28.23
CA ALA B 91 -41.93 -19.99 -28.10
C ALA B 91 -41.54 -21.35 -27.56
N LYS B 92 -40.43 -21.89 -28.04
CA LYS B 92 -39.88 -23.13 -27.50
C LYS B 92 -39.60 -22.99 -26.00
N PHE B 93 -38.95 -21.89 -25.61
CA PHE B 93 -38.57 -21.69 -24.22
C PHE B 93 -39.80 -21.63 -23.31
N GLU B 94 -40.77 -20.79 -23.68
CA GLU B 94 -42.01 -20.68 -22.91
C GLU B 94 -42.68 -22.03 -22.75
N ASN B 95 -42.73 -22.82 -23.83
CA ASN B 95 -43.43 -24.08 -23.78
C ASN B 95 -42.75 -25.06 -22.84
N ILE B 96 -41.41 -25.10 -22.88
CA ILE B 96 -40.63 -25.95 -21.99
C ILE B 96 -40.84 -25.54 -20.54
N VAL B 97 -40.88 -24.23 -20.30
CA VAL B 97 -40.97 -23.72 -18.91
C VAL B 97 -42.38 -23.93 -18.36
N HIS B 98 -43.42 -23.72 -19.16
CA HIS B 98 -44.81 -23.91 -18.71
C HIS B 98 -45.02 -25.37 -18.35
N ASN B 99 -44.50 -26.27 -19.18
CA ASN B 99 -44.63 -27.74 -18.97
C ASN B 99 -43.87 -28.09 -17.70
N PHE B 100 -42.72 -27.49 -17.49
CA PHE B 100 -41.87 -27.72 -16.32
C PHE B 100 -42.49 -27.21 -15.01
N LYS B 101 -43.04 -26.00 -15.03
CA LYS B 101 -43.75 -25.34 -13.88
C LYS B 101 -45.00 -26.13 -13.53
N GLU B 102 -45.71 -26.66 -14.53
CA GLU B 102 -46.98 -27.41 -14.37
C GLU B 102 -46.70 -28.68 -13.54
N ARG B 103 -45.54 -29.31 -13.74
CA ARG B 103 -45.07 -30.54 -13.06
C ARG B 103 -44.30 -30.27 -11.76
N GLN B 104 -44.14 -29.02 -11.35
CA GLN B 104 -43.44 -28.64 -10.10
C GLN B 104 -42.05 -29.28 -10.09
N MET B 105 -41.31 -29.18 -11.18
CA MET B 105 -39.93 -29.63 -11.21
C MET B 105 -38.94 -28.52 -10.93
N MET B 106 -39.43 -27.33 -10.62
CA MET B 106 -38.51 -26.22 -10.37
C MET B 106 -38.66 -25.80 -8.92
N VAL B 107 -37.56 -25.37 -8.28
CA VAL B 107 -37.60 -24.78 -6.91
C VAL B 107 -38.01 -23.31 -7.10
N SER B 108 -38.53 -22.67 -6.06
CA SER B 108 -39.08 -21.30 -6.15
C SER B 108 -38.16 -20.29 -5.45
N TYR B 109 -37.85 -19.17 -6.09
CA TYR B 109 -37.00 -18.11 -5.49
C TYR B 109 -37.82 -17.53 -4.32
N PRO B 110 -37.31 -17.25 -3.10
CA PRO B 110 -38.18 -16.70 -2.04
C PRO B 110 -38.93 -15.40 -2.38
N LYS B 111 -39.98 -15.11 -1.60
CA LYS B 111 -40.97 -14.03 -1.90
C LYS B 111 -40.35 -12.63 -1.96
N ILE B 112 -39.49 -12.26 -1.00
CA ILE B 112 -38.74 -10.98 -0.79
C ILE B 112 -38.45 -10.97 0.70
N ASP B 113 -37.20 -10.85 1.14
CA ASP B 113 -36.97 -10.79 2.60
C ASP B 113 -37.31 -9.37 3.07
N GLU B 114 -37.62 -9.24 4.36
CA GLU B 114 -37.99 -7.94 4.96
C GLU B 114 -36.83 -6.94 4.80
N ASP B 115 -35.58 -7.40 4.94
CA ASP B 115 -34.34 -6.59 4.89
C ASP B 115 -33.98 -6.14 3.47
N ASP B 116 -34.61 -6.72 2.45
CA ASP B 116 -34.37 -6.37 1.02
C ASP B 116 -32.88 -6.56 0.74
N THR B 117 -32.32 -7.69 1.15
CA THR B 117 -30.86 -7.95 1.13
C THR B 117 -30.32 -7.90 -0.28
N TRP B 118 -30.96 -8.55 -1.24
CA TRP B 118 -30.38 -8.58 -2.62
C TRP B 118 -30.40 -7.19 -3.25
N TYR B 119 -31.50 -6.46 -3.14
CA TYR B 119 -31.62 -5.11 -3.73
C TYR B 119 -30.49 -4.26 -3.16
N ASN B 120 -30.27 -4.37 -1.86
CA ASN B 120 -29.29 -3.51 -1.17
C ASN B 120 -27.89 -3.91 -1.57
N LEU B 121 -27.66 -5.18 -1.88
CA LEU B 121 -26.33 -5.59 -2.28
C LEU B 121 -26.03 -5.26 -3.74
N THR B 122 -27.07 -5.06 -4.56
CA THR B 122 -26.89 -4.90 -6.00
C THR B 122 -27.44 -3.56 -6.51
N GLU B 123 -27.69 -2.61 -5.60
CA GLU B 123 -28.36 -1.35 -5.92
C GLU B 123 -27.78 -0.68 -7.17
N PHE B 124 -26.46 -0.63 -7.28
CA PHE B 124 -25.77 0.09 -8.34
C PHE B 124 -25.17 -0.81 -9.39
N VAL B 125 -25.42 -2.11 -9.32
CA VAL B 125 -24.81 -3.08 -10.21
C VAL B 125 -25.69 -3.21 -11.45
N GLN B 126 -25.09 -3.06 -12.63
N GLN B 126 -25.09 -3.00 -12.63
CA GLN B 126 -25.82 -3.12 -13.89
CA GLN B 126 -25.77 -3.11 -13.92
C GLN B 126 -25.10 -4.09 -14.84
C GLN B 126 -25.09 -4.16 -14.77
N MET B 127 -25.90 -4.93 -15.51
CA MET B 127 -25.32 -5.93 -16.41
C MET B 127 -24.34 -5.31 -17.39
N ASP B 128 -24.66 -4.11 -17.90
CA ASP B 128 -23.77 -3.58 -18.93
C ASP B 128 -22.39 -3.28 -18.37
N LYS B 129 -22.31 -2.90 -17.09
CA LYS B 129 -20.99 -2.67 -16.51
C LYS B 129 -20.28 -3.99 -16.16
N ILE B 130 -21.03 -5.00 -15.71
CA ILE B 130 -20.44 -6.34 -15.51
C ILE B 130 -19.78 -6.82 -16.79
N ARG B 131 -20.43 -6.59 -17.94
CA ARG B 131 -19.94 -7.15 -19.19
C ARG B 131 -18.69 -6.44 -19.69
N LYS B 132 -18.38 -5.24 -19.16
CA LYS B 132 -17.10 -4.59 -19.46
C LYS B 132 -16.00 -5.01 -18.50
N ILE B 133 -16.35 -5.43 -17.28
CA ILE B 133 -15.35 -6.05 -16.41
C ILE B 133 -15.04 -7.47 -16.87
N VAL B 134 -16.07 -8.23 -17.30
CA VAL B 134 -15.96 -9.62 -17.74
C VAL B 134 -16.24 -9.64 -19.24
N ARG B 135 -15.20 -9.69 -20.07
CA ARG B 135 -15.34 -9.51 -21.52
C ARG B 135 -15.54 -10.85 -22.21
N LYS B 136 -16.78 -11.12 -22.66
CA LYS B 136 -17.15 -12.29 -23.47
C LYS B 136 -18.33 -11.88 -24.34
N ASP B 137 -18.06 -11.05 -25.34
CA ASP B 137 -19.11 -10.22 -25.92
C ASP B 137 -20.17 -11.03 -26.63
N GLU B 138 -19.91 -12.30 -26.96
CA GLU B 138 -20.90 -13.12 -27.65
C GLU B 138 -22.03 -13.59 -26.72
N ASN B 139 -21.83 -13.53 -25.40
CA ASN B 139 -22.89 -13.89 -24.45
C ASN B 139 -23.44 -12.66 -23.73
N GLN B 140 -24.72 -12.74 -23.35
CA GLN B 140 -25.42 -11.71 -22.60
C GLN B 140 -25.24 -11.85 -21.09
N PHE B 141 -24.67 -12.95 -20.66
CA PHE B 141 -24.41 -13.30 -19.27
C PHE B 141 -22.90 -13.44 -19.10
N SER B 142 -22.43 -13.39 -17.85
CA SER B 142 -20.99 -13.32 -17.58
C SER B 142 -20.56 -14.41 -16.60
N TYR B 143 -19.54 -15.18 -17.00
CA TYR B 143 -18.98 -16.26 -16.19
C TYR B 143 -17.87 -15.72 -15.30
N VAL B 144 -17.91 -16.11 -14.03
CA VAL B 144 -16.85 -15.79 -13.06
C VAL B 144 -16.56 -17.05 -12.27
N ASP B 145 -15.29 -17.24 -11.87
CA ASP B 145 -14.96 -18.32 -10.96
C ASP B 145 -13.87 -17.92 -9.96
N SER B 146 -13.54 -18.86 -9.06
CA SER B 146 -12.71 -18.54 -7.91
C SER B 146 -11.29 -18.18 -8.35
N SER B 147 -10.84 -18.71 -9.49
CA SER B 147 -9.43 -18.60 -9.87
C SER B 147 -9.13 -17.42 -10.79
N MET B 148 -10.13 -16.77 -11.37
CA MET B 148 -9.87 -15.70 -12.34
C MET B 148 -9.07 -14.58 -11.69
N THR B 149 -8.03 -14.15 -12.37
CA THR B 149 -7.21 -13.05 -11.88
C THR B 149 -7.64 -11.73 -12.47
N THR B 150 -7.20 -10.64 -11.83
CA THR B 150 -7.53 -9.30 -12.27
C THR B 150 -6.41 -8.73 -13.14
N VAL B 151 -6.79 -7.73 -13.95
CA VAL B 151 -5.80 -7.02 -14.78
C VAL B 151 -4.63 -6.54 -13.93
N GLN B 152 -4.92 -6.00 -12.73
CA GLN B 152 -3.83 -5.51 -11.89
C GLN B 152 -2.96 -6.64 -11.38
N GLU B 153 -3.57 -7.79 -11.04
CA GLU B 153 -2.79 -8.96 -10.65
C GLU B 153 -1.83 -9.38 -11.77
N ASN B 154 -2.28 -9.25 -13.04
CA ASN B 154 -1.52 -9.68 -14.21
C ASN B 154 -0.38 -8.74 -14.58
N GLU B 155 -0.36 -7.51 -14.05
CA GLU B 155 0.73 -6.58 -14.28
C GLU B 155 1.88 -6.76 -13.31
N LEU B 156 1.66 -7.49 -12.21
CA LEU B 156 2.64 -7.65 -11.14
C LEU B 156 3.35 -9.00 -11.25
N SER B 161 -2.54 -15.11 -16.40
CA SER B 161 -1.79 -14.38 -17.41
C SER B 161 -2.52 -14.39 -18.75
N ASP B 162 -3.65 -15.12 -18.82
CA ASP B 162 -4.45 -15.18 -20.04
C ASP B 162 -5.41 -14.00 -20.07
N PRO B 163 -5.24 -13.04 -20.98
CA PRO B 163 -6.07 -11.82 -20.90
C PRO B 163 -7.57 -12.03 -21.07
N ALA B 164 -7.98 -13.07 -21.81
CA ALA B 164 -9.40 -13.25 -22.11
C ALA B 164 -10.20 -13.63 -20.88
N HIS B 165 -9.56 -14.27 -19.89
CA HIS B 165 -10.22 -14.80 -18.71
C HIS B 165 -9.99 -13.92 -17.48
N SER B 166 -9.77 -12.63 -17.67
CA SER B 166 -9.42 -11.71 -16.60
C SER B 166 -10.63 -10.91 -16.15
N LEU B 167 -10.55 -10.41 -14.91
CA LEU B 167 -11.50 -9.44 -14.40
C LEU B 167 -10.89 -8.05 -14.62
N ASN B 168 -11.49 -7.27 -15.51
N ASN B 168 -11.51 -7.27 -15.49
CA ASN B 168 -11.00 -5.93 -15.85
CA ASN B 168 -11.04 -5.93 -15.86
C ASN B 168 -11.57 -4.86 -14.92
C ASN B 168 -11.58 -4.85 -14.92
N TYR B 169 -11.24 -4.99 -13.63
CA TYR B 169 -11.59 -3.97 -12.68
C TYR B 169 -10.70 -2.74 -12.92
N THR B 170 -11.17 -1.60 -12.47
CA THR B 170 -10.42 -0.35 -12.63
C THR B 170 -9.20 -0.39 -11.73
N VAL B 171 -8.03 -0.11 -12.28
CA VAL B 171 -6.81 -0.25 -11.49
C VAL B 171 -6.69 0.93 -10.53
N ILE B 172 -6.48 0.62 -9.25
CA ILE B 172 -6.28 1.60 -8.20
C ILE B 172 -4.93 1.31 -7.56
N ASN B 173 -4.05 2.31 -7.54
CA ASN B 173 -2.72 2.09 -7.00
C ASN B 173 -2.30 3.41 -6.34
N PHE B 174 -2.18 3.40 -5.01
CA PHE B 174 -1.95 4.62 -4.28
C PHE B 174 -0.54 5.18 -4.47
N LYS B 175 0.40 4.37 -4.91
CA LYS B 175 1.76 4.86 -5.19
C LYS B 175 2.01 4.77 -6.69
N SER B 176 1.24 5.55 -7.44
CA SER B 176 1.30 5.58 -8.89
C SER B 176 1.26 7.03 -9.34
N ARG B 177 1.83 7.30 -10.50
CA ARG B 177 1.72 8.64 -11.05
C ARG B 177 0.26 9.06 -11.23
N GLU B 178 -0.64 8.14 -11.57
CA GLU B 178 -2.04 8.56 -11.71
C GLU B 178 -2.58 9.08 -10.38
N ALA B 179 -2.12 8.53 -9.27
CA ALA B 179 -2.62 8.89 -7.95
C ALA B 179 -1.99 10.15 -7.39
N ILE B 180 -0.84 10.57 -7.91
CA ILE B 180 0.02 11.54 -7.25
C ILE B 180 0.40 12.61 -8.25
N ARG B 181 -0.10 13.82 -8.04
CA ARG B 181 0.23 14.96 -8.92
C ARG B 181 1.67 15.41 -8.67
N PRO B 182 2.50 15.53 -9.70
CA PRO B 182 3.83 16.13 -9.50
C PRO B 182 3.70 17.42 -8.73
N GLY B 183 4.52 17.56 -7.68
CA GLY B 183 4.48 18.72 -6.84
C GLY B 183 3.47 18.70 -5.72
N HIS B 184 2.58 17.71 -5.68
CA HIS B 184 1.61 17.57 -4.60
C HIS B 184 1.82 16.24 -3.89
N GLU B 185 3.05 15.74 -3.90
CA GLU B 185 3.33 14.39 -3.42
C GLU B 185 2.76 14.15 -2.04
N MET B 186 3.19 14.95 -1.05
CA MET B 186 2.70 14.70 0.30
C MET B 186 1.20 14.91 0.37
N GLU B 187 0.71 15.97 -0.28
CA GLU B 187 -0.70 16.30 -0.20
C GLU B 187 -1.54 15.16 -0.72
N ASP B 188 -1.23 14.69 -1.93
CA ASP B 188 -2.06 13.68 -2.59
C ASP B 188 -1.92 12.30 -1.96
N PHE B 189 -0.79 11.99 -1.33
CA PHE B 189 -0.63 10.69 -0.72
C PHE B 189 -1.36 10.64 0.61
N LEU B 190 -1.37 11.73 1.36
CA LEU B 190 -1.99 11.69 2.67
C LEU B 190 -3.48 12.03 2.61
N ASP B 191 -3.93 12.69 1.54
CA ASP B 191 -5.34 13.00 1.31
C ASP B 191 -5.65 12.63 -0.14
N LYS B 192 -6.36 11.54 -0.35
CA LYS B 192 -6.55 11.03 -1.70
C LYS B 192 -7.71 11.68 -2.45
N SER B 193 -8.16 12.87 -2.04
CA SER B 193 -9.36 13.46 -2.63
C SER B 193 -9.20 13.74 -4.12
N TYR B 194 -8.02 14.18 -4.57
N TYR B 194 -8.01 14.22 -4.53
N TYR B 194 -8.02 14.21 -4.54
CA TYR B 194 -7.90 14.47 -5.99
CA TYR B 194 -7.74 14.44 -5.95
CA TYR B 194 -7.82 14.46 -5.97
C TYR B 194 -7.94 13.18 -6.82
C TYR B 194 -7.98 13.17 -6.75
C TYR B 194 -7.97 13.17 -6.77
N TYR B 195 -7.39 12.08 -6.28
CA TYR B 195 -7.46 10.81 -6.99
C TYR B 195 -8.89 10.28 -7.01
N LEU B 196 -9.58 10.39 -5.88
CA LEU B 196 -10.99 9.95 -5.85
C LEU B 196 -11.86 10.77 -6.78
N ASN B 197 -11.82 12.10 -6.64
CA ASN B 197 -12.83 12.97 -7.24
C ASN B 197 -12.50 13.33 -8.69
N THR B 198 -11.27 13.75 -8.94
CA THR B 198 -10.91 14.18 -10.29
C THR B 198 -10.57 12.99 -11.17
N VAL B 199 -9.65 12.13 -10.70
CA VAL B 199 -9.14 11.06 -11.54
C VAL B 199 -10.19 9.97 -11.71
N MET B 200 -10.76 9.51 -10.61
CA MET B 200 -11.61 8.31 -10.69
C MET B 200 -13.07 8.66 -10.96
N LEU B 201 -13.66 9.54 -10.15
CA LEU B 201 -15.08 9.84 -10.30
C LEU B 201 -15.36 10.68 -11.54
N GLN B 202 -14.71 11.84 -11.67
N GLN B 202 -14.71 11.83 -11.66
CA GLN B 202 -14.92 12.67 -12.84
CA GLN B 202 -14.94 12.67 -12.85
C GLN B 202 -14.35 12.03 -14.09
C GLN B 202 -14.35 12.03 -14.09
N GLY B 203 -13.12 11.51 -14.01
CA GLY B 203 -12.42 10.98 -15.14
C GLY B 203 -12.78 9.60 -15.67
N ILE B 204 -12.87 8.60 -14.79
CA ILE B 204 -12.96 7.21 -15.20
C ILE B 204 -14.38 6.67 -15.02
N PHE B 205 -14.94 6.83 -13.82
CA PHE B 205 -16.27 6.26 -13.56
C PHE B 205 -17.40 7.13 -14.05
N LYS B 206 -17.15 8.45 -14.13
CA LYS B 206 -18.12 9.46 -14.55
C LYS B 206 -19.06 9.86 -13.40
N ASN B 207 -19.48 8.92 -12.54
CA ASN B 207 -20.35 9.27 -11.44
C ASN B 207 -20.18 8.24 -10.32
N SER B 208 -20.74 8.58 -9.15
CA SER B 208 -20.56 7.72 -7.98
C SER B 208 -21.38 6.42 -8.11
N SER B 209 -22.48 6.46 -8.85
CA SER B 209 -23.23 5.21 -9.07
C SER B 209 -22.38 4.14 -9.74
N ASN B 210 -21.59 4.48 -10.78
CA ASN B 210 -20.76 3.49 -11.42
C ASN B 210 -19.63 3.00 -10.50
N TYR B 211 -19.05 3.92 -9.71
CA TYR B 211 -18.05 3.53 -8.71
C TYR B 211 -18.63 2.51 -7.74
N PHE B 212 -19.81 2.82 -7.16
CA PHE B 212 -20.42 1.90 -6.21
C PHE B 212 -20.80 0.59 -6.86
N GLY B 213 -21.18 0.62 -8.14
CA GLY B 213 -21.52 -0.61 -8.85
C GLY B 213 -20.34 -1.56 -8.91
N GLU B 214 -19.15 -1.06 -9.29
CA GLU B 214 -17.98 -1.89 -9.32
C GLU B 214 -17.60 -2.34 -7.92
N LEU B 215 -17.71 -1.46 -6.92
CA LEU B 215 -17.41 -1.88 -5.54
C LEU B 215 -18.32 -3.02 -5.11
N GLN B 216 -19.63 -2.95 -5.43
CA GLN B 216 -20.57 -3.98 -5.03
C GLN B 216 -20.33 -5.29 -5.77
N PHE B 217 -20.02 -5.20 -7.08
CA PHE B 217 -19.71 -6.38 -7.87
C PHE B 217 -18.44 -7.07 -7.35
N ALA B 218 -17.40 -6.28 -7.03
CA ALA B 218 -16.20 -6.89 -6.49
C ALA B 218 -16.50 -7.62 -5.18
N PHE B 219 -17.28 -6.99 -4.29
CA PHE B 219 -17.60 -7.69 -3.04
C PHE B 219 -18.32 -9.00 -3.33
N LEU B 220 -19.29 -8.98 -4.25
CA LEU B 220 -20.09 -10.18 -4.43
C LEU B 220 -19.27 -11.31 -5.04
N ASN B 221 -18.33 -10.98 -5.93
CA ASN B 221 -17.44 -12.01 -6.47
CA ASN B 221 -17.42 -12.00 -6.48
C ASN B 221 -16.51 -12.53 -5.39
N ALA B 222 -16.08 -11.66 -4.47
CA ALA B 222 -15.26 -12.15 -3.36
C ALA B 222 -16.05 -13.13 -2.49
N MET B 223 -17.29 -12.77 -2.15
CA MET B 223 -18.08 -13.57 -1.24
C MET B 223 -18.54 -14.87 -1.87
N PHE B 224 -19.00 -14.83 -3.10
CA PHE B 224 -19.61 -16.02 -3.66
C PHE B 224 -18.59 -16.97 -4.26
N PHE B 225 -17.46 -16.46 -4.78
CA PHE B 225 -16.48 -17.36 -5.40
C PHE B 225 -15.17 -17.41 -4.64
N GLY B 226 -15.03 -16.67 -3.56
CA GLY B 226 -13.72 -16.58 -2.92
C GLY B 226 -12.66 -16.04 -3.84
N ASN B 227 -13.03 -15.11 -4.70
CA ASN B 227 -12.11 -14.57 -5.69
C ASN B 227 -11.25 -13.51 -5.03
N TYR B 228 -9.95 -13.83 -4.89
CA TYR B 228 -9.04 -13.03 -4.08
C TYR B 228 -8.79 -11.67 -4.70
N GLY B 229 -8.64 -11.60 -6.02
CA GLY B 229 -8.46 -10.30 -6.66
C GLY B 229 -9.66 -9.38 -6.52
N SER B 230 -10.86 -9.98 -6.47
CA SER B 230 -12.04 -9.19 -6.23
C SER B 230 -12.06 -8.65 -4.80
N SER B 231 -11.62 -9.44 -3.82
CA SER B 231 -11.54 -8.91 -2.47
C SER B 231 -10.56 -7.72 -2.39
N LEU B 232 -9.42 -7.84 -3.07
CA LEU B 232 -8.45 -6.74 -3.12
C LEU B 232 -9.07 -5.47 -3.68
N GLN B 233 -9.85 -5.60 -4.76
CA GLN B 233 -10.50 -4.46 -5.39
C GLN B 233 -11.52 -3.82 -4.44
N TRP B 234 -12.38 -4.63 -3.82
CA TRP B 234 -13.37 -4.13 -2.89
C TRP B 234 -12.70 -3.28 -1.80
N HIS B 235 -11.62 -3.81 -1.21
CA HIS B 235 -10.98 -3.07 -0.12
C HIS B 235 -10.31 -1.80 -0.65
N ALA B 236 -9.71 -1.87 -1.84
CA ALA B 236 -9.06 -0.68 -2.39
C ALA B 236 -10.08 0.43 -2.64
N MET B 237 -11.28 0.06 -3.12
CA MET B 237 -12.28 1.09 -3.39
C MET B 237 -12.87 1.69 -2.11
N ILE B 238 -12.95 0.89 -1.04
CA ILE B 238 -13.32 1.43 0.26
C ILE B 238 -12.23 2.39 0.74
N GLU B 239 -10.99 1.92 0.74
CA GLU B 239 -9.90 2.70 1.30
C GLU B 239 -9.70 4.02 0.57
N LEU B 240 -9.92 4.05 -0.76
CA LEU B 240 -9.79 5.31 -1.49
C LEU B 240 -10.79 6.36 -1.00
N ILE B 241 -12.04 5.96 -0.68
CA ILE B 241 -13.00 6.91 -0.17
C ILE B 241 -12.65 7.34 1.24
N CYS B 242 -12.35 6.40 2.12
CA CYS B 242 -12.13 6.72 3.51
C CYS B 242 -10.88 7.58 3.68
N SER B 243 -9.91 7.42 2.79
CA SER B 243 -8.65 8.16 2.81
C SER B 243 -8.71 9.49 2.08
N SER B 244 -9.89 9.93 1.67
CA SER B 244 -10.11 11.24 1.08
C SER B 244 -10.76 12.16 2.11
N ALA B 245 -10.15 13.33 2.34
CA ALA B 245 -10.79 14.30 3.22
C ALA B 245 -12.04 14.94 2.61
N THR B 246 -12.16 14.96 1.29
CA THR B 246 -13.26 15.67 0.65
C THR B 246 -14.06 14.68 -0.18
N VAL B 247 -15.22 14.32 0.33
CA VAL B 247 -16.10 13.35 -0.31
C VAL B 247 -17.51 13.92 -0.24
N PRO B 248 -18.22 13.98 -1.36
CA PRO B 248 -19.64 14.38 -1.32
C PRO B 248 -20.44 13.66 -0.23
N LYS B 249 -21.23 14.43 0.52
CA LYS B 249 -21.91 13.90 1.69
C LYS B 249 -22.86 12.77 1.32
N HIS B 250 -23.47 12.87 0.13
CA HIS B 250 -24.37 11.80 -0.31
C HIS B 250 -23.62 10.50 -0.54
N MET B 251 -22.34 10.61 -0.94
CA MET B 251 -21.58 9.39 -1.17
C MET B 251 -21.23 8.71 0.15
N LEU B 252 -20.86 9.48 1.17
CA LEU B 252 -20.52 8.88 2.46
C LEU B 252 -21.73 8.18 3.06
N ASP B 253 -22.89 8.83 2.99
CA ASP B 253 -24.09 8.22 3.57
C ASP B 253 -24.45 6.94 2.83
N LYS B 254 -24.33 6.95 1.51
CA LYS B 254 -24.63 5.76 0.75
C LYS B 254 -23.59 4.68 0.99
N LEU B 255 -22.30 5.03 1.06
CA LEU B 255 -21.29 4.02 1.36
C LEU B 255 -21.59 3.32 2.68
N ASP B 256 -22.01 4.07 3.69
CA ASP B 256 -22.29 3.43 4.98
C ASP B 256 -23.38 2.37 4.83
N GLU B 257 -24.40 2.66 4.02
CA GLU B 257 -25.46 1.67 3.78
C GLU B 257 -24.95 0.47 2.99
N ILE B 258 -24.14 0.73 1.97
CA ILE B 258 -23.61 -0.34 1.15
C ILE B 258 -22.82 -1.32 2.01
N LEU B 259 -21.87 -0.79 2.78
CA LEU B 259 -21.00 -1.65 3.53
C LEU B 259 -21.77 -2.37 4.63
N TYR B 260 -22.74 -1.74 5.23
CA TYR B 260 -23.51 -2.38 6.31
C TYR B 260 -24.15 -3.66 5.78
N TYR B 261 -24.72 -3.63 4.60
CA TYR B 261 -25.40 -4.84 4.09
C TYR B 261 -24.34 -5.87 3.76
N GLN B 262 -23.21 -5.43 3.23
CA GLN B 262 -22.20 -6.40 2.86
C GLN B 262 -21.69 -7.12 4.10
N ILE B 263 -21.41 -6.36 5.16
CA ILE B 263 -20.93 -6.98 6.39
C ILE B 263 -22.04 -7.82 7.01
N LYS B 264 -23.26 -7.35 6.97
CA LYS B 264 -24.37 -8.16 7.55
C LYS B 264 -24.43 -9.48 6.80
N THR B 265 -24.32 -9.52 5.46
CA THR B 265 -24.51 -10.74 4.68
C THR B 265 -23.32 -11.69 4.73
N LEU B 266 -22.12 -11.17 4.98
CA LEU B 266 -20.92 -12.02 4.96
C LEU B 266 -21.01 -13.15 5.98
N PRO B 267 -20.82 -14.40 5.58
CA PRO B 267 -20.78 -15.49 6.56
C PRO B 267 -19.74 -15.23 7.63
N GLU B 268 -20.09 -15.55 8.86
CA GLU B 268 -19.23 -15.23 9.99
C GLU B 268 -17.92 -16.00 9.92
N GLN B 269 -17.96 -17.20 9.36
CA GLN B 269 -16.81 -18.10 9.29
C GLN B 269 -15.87 -17.77 8.13
N TYR B 270 -16.21 -16.78 7.30
CA TYR B 270 -15.37 -16.37 6.18
C TYR B 270 -14.69 -15.03 6.45
N SER B 271 -14.86 -14.48 7.65
CA SER B 271 -14.34 -13.15 7.92
C SER B 271 -12.82 -13.15 7.93
N ASP B 272 -12.21 -14.22 8.44
CA ASP B 272 -10.74 -14.30 8.50
C ASP B 272 -10.10 -14.06 7.14
N ILE B 273 -10.67 -14.61 6.08
CA ILE B 273 -10.05 -14.57 4.76
C ILE B 273 -10.61 -13.44 3.90
N LEU B 274 -11.84 -13.00 4.15
CA LEU B 274 -12.46 -11.99 3.30
C LEU B 274 -12.40 -10.57 3.86
N LEU B 275 -11.90 -10.36 5.07
CA LEU B 275 -11.81 -9.02 5.61
C LEU B 275 -10.37 -8.71 5.94
N ASN B 276 -9.93 -7.55 5.47
CA ASN B 276 -8.56 -7.10 5.67
C ASN B 276 -8.47 -6.24 6.93
N GLU B 277 -7.83 -6.80 7.96
CA GLU B 277 -7.74 -6.11 9.25
C GLU B 277 -7.21 -4.70 9.10
N ARG B 278 -6.17 -4.50 8.29
CA ARG B 278 -5.56 -3.18 8.21
C ARG B 278 -6.51 -2.16 7.62
N VAL B 279 -7.16 -2.49 6.50
CA VAL B 279 -8.06 -1.55 5.86
C VAL B 279 -9.18 -1.17 6.80
N TRP B 280 -9.78 -2.16 7.46
CA TRP B 280 -10.97 -1.86 8.26
C TRP B 280 -10.63 -1.06 9.50
N ASN B 281 -9.51 -1.39 10.15
CA ASN B 281 -9.13 -0.58 11.31
C ASN B 281 -8.77 0.84 10.90
N ILE B 282 -8.05 1.00 9.79
CA ILE B 282 -7.77 2.36 9.29
C ILE B 282 -9.08 3.08 8.95
N CYS B 283 -9.98 2.41 8.23
CA CYS B 283 -11.17 3.12 7.76
C CYS B 283 -12.09 3.53 8.91
N LEU B 284 -12.28 2.65 9.89
CA LEU B 284 -13.21 2.93 10.97
C LEU B 284 -12.64 3.82 12.08
N TYR B 285 -11.33 3.82 12.28
CA TYR B 285 -10.75 4.43 13.48
C TYR B 285 -9.66 5.46 13.23
N SER B 286 -9.07 5.53 12.03
CA SER B 286 -7.96 6.43 11.77
C SER B 286 -8.19 7.37 10.59
N SER B 287 -9.07 7.03 9.68
CA SER B 287 -9.19 7.77 8.43
C SER B 287 -10.00 9.05 8.60
N PHE B 288 -9.98 9.86 7.54
CA PHE B 288 -10.76 11.07 7.50
C PHE B 288 -12.22 10.78 7.78
N GLN B 289 -12.69 9.62 7.34
CA GLN B 289 -14.11 9.26 7.43
C GLN B 289 -14.38 8.33 8.61
N LYS B 290 -13.50 8.32 9.61
CA LYS B 290 -13.65 7.46 10.77
C LYS B 290 -14.99 7.67 11.50
N ASN B 291 -15.62 8.83 11.33
CA ASN B 291 -16.84 9.19 12.04
C ASN B 291 -18.05 9.21 11.12
N SER B 292 -17.89 8.78 9.87
CA SER B 292 -18.92 8.92 8.86
C SER B 292 -19.58 7.59 8.52
N LEU B 293 -19.20 6.51 9.18
CA LEU B 293 -19.74 5.20 8.81
C LEU B 293 -20.39 4.56 10.04
N HIS B 294 -21.41 5.24 10.58
CA HIS B 294 -21.98 4.82 11.86
C HIS B 294 -22.60 3.43 11.79
N ASN B 295 -23.38 3.15 10.75
CA ASN B 295 -24.04 1.84 10.72
C ASN B 295 -23.03 0.72 10.50
N THR B 296 -22.03 0.97 9.66
CA THR B 296 -21.02 -0.03 9.39
C THR B 296 -20.16 -0.28 10.63
N GLU B 297 -19.78 0.79 11.34
CA GLU B 297 -18.98 0.59 12.55
C GLU B 297 -19.77 -0.21 13.60
N LYS B 298 -21.06 0.07 13.72
CA LYS B 298 -21.86 -0.66 14.70
C LYS B 298 -22.01 -2.15 14.36
N ILE B 299 -22.27 -2.51 13.11
CA ILE B 299 -22.40 -3.94 12.85
C ILE B 299 -21.05 -4.62 12.92
N MET B 300 -19.99 -3.94 12.46
CA MET B 300 -18.66 -4.53 12.56
C MET B 300 -18.28 -4.81 14.01
N GLU B 301 -18.54 -3.86 14.91
CA GLU B 301 -18.16 -4.04 16.31
C GLU B 301 -19.02 -5.10 16.99
N ASN B 302 -20.27 -5.30 16.56
CA ASN B 302 -21.06 -6.35 17.20
C ASN B 302 -20.79 -7.73 16.61
N LYS B 303 -20.42 -7.79 15.34
CA LYS B 303 -20.26 -9.06 14.67
C LYS B 303 -18.82 -9.54 14.63
N TYR B 304 -17.86 -8.62 14.50
CA TYR B 304 -16.45 -8.96 14.35
C TYR B 304 -15.57 -8.13 15.27
N PRO B 305 -15.87 -8.07 16.57
CA PRO B 305 -15.01 -7.30 17.47
C PRO B 305 -13.57 -7.82 17.51
N GLU B 306 -13.38 -9.09 17.12
CA GLU B 306 -12.05 -9.71 17.15
C GLU B 306 -11.10 -9.06 16.15
N LEU B 307 -11.55 -8.95 14.89
CA LEU B 307 -10.75 -8.29 13.86
C LEU B 307 -10.27 -6.92 14.30
N LEU B 308 -11.01 -6.27 15.19
CA LEU B 308 -10.68 -4.92 15.64
C LEU B 308 -10.16 -4.95 17.08
N1 W7T C . 13.36 15.70 15.91
C7 W7T C . 14.90 17.13 18.92
C8 W7T C . 12.78 17.32 17.73
C9 W7T C . 12.23 16.38 16.62
C1 W7T C . 14.20 18.51 23.00
C5 W7T C . 16.38 17.49 23.57
C6 W7T C . 15.67 16.57 20.04
C4 W7T C . 16.76 17.13 22.14
C3 W7T C . 15.65 17.55 21.20
C2 W7T C . 14.31 17.45 21.92
O W7T C . 15.40 18.00 18.25
N W7T C . 13.66 16.68 18.67
C W7T C . 15.56 18.77 23.59
S DMS D . 11.85 13.44 14.15
O DMS D . 11.01 12.62 13.32
C1 DMS D . 13.24 12.43 14.51
C2 DMS D . 11.12 13.38 15.73
H11 DMS D . 13.68 12.17 13.68
H12 DMS D . 12.94 11.63 14.98
H13 DMS D . 13.85 12.92 15.06
H21 DMS D . 10.37 13.99 15.77
H22 DMS D . 11.77 13.61 16.40
H23 DMS D . 10.80 12.47 15.90
N1 W7T E . -30.56 -20.02 1.73
C7 W7T E . -34.67 -20.69 1.55
C8 W7T E . -32.44 -21.69 1.85
C9 W7T E . -30.99 -21.38 2.28
C1 W7T E . -34.63 -23.38 -2.67
C5 W7T E . -33.73 -21.13 -2.66
C6 W7T E . -35.05 -21.94 0.81
C4 W7T E . -34.18 -20.93 -1.22
C3 W7T E . -34.23 -22.22 -0.45
C2 W7T E . -35.02 -23.27 -1.22
O W7T E . -35.52 -19.86 1.90
N W7T E . -33.35 -20.55 1.86
C W7T E . -34.71 -22.05 -3.36
#